data_7MWL
#
_entry.id   7MWL
#
_cell.length_a   73.202
_cell.length_b   73.202
_cell.length_c   262.068
_cell.angle_alpha   90.000
_cell.angle_beta   90.000
_cell.angle_gamma   120.000
#
_symmetry.space_group_name_H-M   'P 61 2 2'
#
loop_
_entity.id
_entity.type
_entity.pdbx_description
1 polymer 'Bromodomain adjacent to zinc finger domain protein 2A'
2 polymer "DNA (5'-D(*GP*CP*CP*AP*AP*(5CM)P*GP*TP*TP*GP*GP*C)-3')"
3 non-polymer GLYCEROL
4 water water
#
loop_
_entity_poly.entity_id
_entity_poly.type
_entity_poly.pdbx_seq_one_letter_code
_entity_poly.pdbx_strand_id
1 'polypeptide(L)'
;GSGSGDVMRRRIATPEEVRLPLQHGWRREVRIKKGSHRWQGETWYYGPCGKRMKQFPEVIKYLSRNVVHSVRREHFSFSP
RMPVGDFFEERDTPEGLQWVQLSAEEIPSRIQAITGKRG
;
A,B
2 'polydeoxyribonucleotide' (DG)(DC)(DC)(DA)(DA)(5CM)(DG)(DT)(DT)(DG)(DG)(DC) E,F
#
# COMPACT_ATOMS: atom_id res chain seq x y z
N ARG A 9 15.63 -22.93 -12.47
CA ARG A 9 15.58 -22.80 -10.96
C ARG A 9 16.87 -22.16 -10.46
N ARG A 10 16.76 -21.29 -9.45
CA ARG A 10 17.84 -20.43 -8.94
C ARG A 10 17.95 -20.59 -7.43
N ARG A 11 19.01 -20.05 -6.85
CA ARG A 11 19.22 -19.96 -5.37
C ARG A 11 18.06 -19.18 -4.72
N ILE A 12 17.98 -19.24 -3.40
CA ILE A 12 16.95 -18.53 -2.61
C ILE A 12 17.21 -17.02 -2.74
N ALA A 13 16.14 -16.23 -2.63
CA ALA A 13 16.25 -14.76 -2.71
C ALA A 13 16.68 -14.18 -1.36
N THR A 14 17.58 -13.21 -1.38
CA THR A 14 18.07 -12.54 -0.16
C THR A 14 17.04 -11.50 0.27
N PRO A 15 17.01 -11.11 1.56
CA PRO A 15 16.18 -10.00 2.00
C PRO A 15 16.44 -8.72 1.18
N GLU A 16 17.71 -8.43 0.81
CA GLU A 16 18.06 -7.20 0.06
C GLU A 16 17.41 -7.27 -1.34
N GLU A 17 17.39 -8.45 -1.98
CA GLU A 17 16.69 -8.66 -3.29
C GLU A 17 15.17 -8.42 -3.14
N VAL A 18 14.54 -8.92 -2.06
CA VAL A 18 13.08 -8.81 -1.84
C VAL A 18 12.74 -7.33 -1.54
N ARG A 19 13.68 -6.57 -1.00
CA ARG A 19 13.51 -5.12 -0.76
C ARG A 19 13.62 -4.32 -2.06
N LEU A 20 14.22 -4.86 -3.11
CA LEU A 20 14.55 -4.03 -4.31
C LEU A 20 13.28 -3.38 -4.92
N PRO A 21 12.19 -4.12 -5.22
CA PRO A 21 10.98 -3.50 -5.82
C PRO A 21 10.36 -2.33 -5.01
N LEU A 22 10.55 -2.32 -3.68
CA LEU A 22 10.04 -1.27 -2.77
C LEU A 22 10.79 0.06 -3.01
N GLN A 23 11.93 0.05 -3.72
CA GLN A 23 12.66 1.29 -4.10
C GLN A 23 12.21 1.74 -5.49
N HIS A 24 11.31 1.00 -6.12
CA HIS A 24 10.80 1.27 -7.50
C HIS A 24 9.28 1.26 -7.53
N GLY A 25 8.65 1.73 -6.46
CA GLY A 25 7.21 2.05 -6.41
C GLY A 25 6.32 0.86 -6.08
N TRP A 26 6.87 -0.32 -5.79
CA TRP A 26 6.07 -1.52 -5.39
C TRP A 26 5.88 -1.49 -3.88
N ARG A 27 4.85 -2.14 -3.39
CA ARG A 27 4.64 -2.35 -1.95
C ARG A 27 4.49 -3.83 -1.70
N ARG A 28 4.89 -4.27 -0.52
CA ARG A 28 4.75 -5.67 -0.12
C ARG A 28 4.06 -5.68 1.24
N GLU A 29 3.07 -6.52 1.41
CA GLU A 29 2.34 -6.65 2.70
C GLU A 29 2.22 -8.10 3.06
N VAL A 30 2.31 -8.40 4.35
CA VAL A 30 2.05 -9.75 4.86
C VAL A 30 0.88 -9.62 5.83
N ARG A 31 -0.14 -10.44 5.65
CA ARG A 31 -1.40 -10.42 6.41
C ARG A 31 -1.63 -11.77 7.08
N ILE A 32 -1.82 -11.75 8.40
CA ILE A 32 -1.83 -12.99 9.23
C ILE A 32 -3.22 -13.12 9.88
N LYS A 33 -3.86 -14.25 9.68
CA LYS A 33 -5.26 -14.48 10.13
C LYS A 33 -5.44 -15.92 10.52
N LYS A 34 -6.45 -16.18 11.34
CA LYS A 34 -6.82 -17.53 11.80
C LYS A 34 -7.55 -18.23 10.67
N GLY A 35 -6.99 -19.36 10.19
CA GLY A 35 -7.61 -20.20 9.16
C GLY A 35 -8.52 -21.25 9.76
N SER A 36 -8.97 -22.20 8.93
CA SER A 36 -9.84 -23.33 9.31
C SER A 36 -9.25 -24.06 10.53
N HIS A 37 -7.91 -24.16 10.62
CA HIS A 37 -7.19 -25.03 11.61
C HIS A 37 -6.14 -24.26 12.42
N ARG A 38 -5.42 -23.31 11.82
CA ARG A 38 -4.25 -22.63 12.45
C ARG A 38 -4.11 -21.20 11.91
N TRP A 39 -3.17 -20.44 12.45
CA TRP A 39 -2.82 -19.08 11.95
C TRP A 39 -1.94 -19.25 10.72
N GLN A 40 -2.08 -18.37 9.79
CA GLN A 40 -1.31 -18.44 8.51
C GLN A 40 -1.14 -17.03 7.95
N GLY A 41 -0.08 -16.82 7.17
CA GLY A 41 0.21 -15.54 6.53
C GLY A 41 0.02 -15.65 5.02
N GLU A 42 -0.41 -14.57 4.41
CA GLU A 42 -0.46 -14.44 2.94
C GLU A 42 0.29 -13.17 2.57
N THR A 43 0.96 -13.15 1.41
CA THR A 43 1.74 -12.01 0.95
C THR A 43 0.99 -11.39 -0.24
N TRP A 44 0.84 -10.09 -0.22
CA TRP A 44 0.32 -9.27 -1.36
C TRP A 44 1.42 -8.37 -1.88
N TYR A 45 1.45 -8.13 -3.18
CA TYR A 45 2.24 -7.05 -3.75
C TYR A 45 1.28 -6.06 -4.39
N TYR A 46 1.64 -4.81 -4.36
CA TYR A 46 1.01 -3.75 -5.14
C TYR A 46 2.04 -3.27 -6.16
N GLY A 47 1.68 -3.30 -7.41
CA GLY A 47 2.50 -2.69 -8.46
C GLY A 47 2.50 -1.15 -8.38
N PRO A 48 3.43 -0.45 -9.08
CA PRO A 48 3.47 0.98 -9.03
C PRO A 48 2.15 1.68 -9.44
N CYS A 49 1.33 1.01 -10.25
CA CYS A 49 0.04 1.52 -10.76
C CYS A 49 -1.08 1.33 -9.71
N GLY A 50 -0.81 0.58 -8.66
CA GLY A 50 -1.80 0.30 -7.57
C GLY A 50 -2.45 -1.08 -7.69
N LYS A 51 -2.09 -1.86 -8.68
CA LYS A 51 -2.68 -3.20 -8.90
C LYS A 51 -2.28 -4.15 -7.78
N ARG A 52 -3.24 -4.81 -7.17
CA ARG A 52 -3.00 -5.80 -6.09
C ARG A 52 -2.74 -7.16 -6.73
N MET A 53 -1.64 -7.80 -6.38
CA MET A 53 -1.29 -9.14 -6.91
C MET A 53 -1.03 -10.12 -5.73
N LYS A 54 -1.67 -11.27 -5.76
CA LYS A 54 -1.67 -12.23 -4.64
C LYS A 54 -0.97 -13.55 -5.01
N GLN A 55 -0.59 -13.73 -6.28
CA GLN A 55 -0.01 -15.00 -6.79
C GLN A 55 1.19 -14.67 -7.68
N PHE A 56 2.23 -15.48 -7.59
CA PHE A 56 3.47 -15.29 -8.33
C PHE A 56 3.20 -15.24 -9.84
N PRO A 57 2.39 -16.14 -10.45
CA PRO A 57 2.16 -16.06 -11.91
C PRO A 57 1.55 -14.72 -12.36
N GLU A 58 0.79 -14.07 -11.48
CA GLU A 58 0.17 -12.73 -11.70
C GLU A 58 1.29 -11.69 -11.85
N VAL A 59 2.31 -11.79 -11.00
CA VAL A 59 3.47 -10.86 -11.03
C VAL A 59 4.22 -11.10 -12.36
N ILE A 60 4.43 -12.35 -12.74
CA ILE A 60 5.10 -12.69 -14.04
C ILE A 60 4.35 -12.01 -15.21
N LYS A 61 3.04 -12.13 -15.25
CA LYS A 61 2.19 -11.57 -16.33
C LYS A 61 2.34 -10.04 -16.34
N TYR A 62 2.34 -9.42 -15.18
CA TYR A 62 2.47 -7.96 -14.99
C TYR A 62 3.83 -7.48 -15.52
N LEU A 63 4.91 -8.16 -15.14
CA LEU A 63 6.29 -7.78 -15.58
C LEU A 63 6.38 -7.88 -17.12
N SER A 64 5.72 -8.88 -17.71
CA SER A 64 5.70 -9.10 -19.19
C SER A 64 4.92 -7.97 -19.91
N ARG A 65 3.96 -7.34 -19.23
CA ARG A 65 3.05 -6.33 -19.85
C ARG A 65 3.52 -4.91 -19.55
N ASN A 66 4.68 -4.76 -18.90
CA ASN A 66 5.20 -3.44 -18.44
C ASN A 66 6.68 -3.35 -18.83
N VAL A 67 7.20 -2.13 -18.84
CA VAL A 67 8.61 -1.83 -19.28
C VAL A 67 9.59 -2.57 -18.35
N VAL A 68 10.55 -3.31 -18.92
CA VAL A 68 11.59 -4.03 -18.13
C VAL A 68 12.67 -3.02 -17.71
N HIS A 69 12.66 -2.59 -16.44
CA HIS A 69 13.71 -1.78 -15.79
C HIS A 69 14.52 -2.69 -14.83
N SER A 70 14.69 -2.29 -13.57
CA SER A 70 15.60 -2.96 -12.62
C SER A 70 14.88 -4.12 -11.91
N VAL A 71 13.54 -4.06 -11.80
CA VAL A 71 12.70 -5.09 -11.11
C VAL A 71 12.53 -6.32 -12.02
N ARG A 72 12.83 -7.51 -11.52
CA ARG A 72 12.69 -8.77 -12.29
C ARG A 72 12.00 -9.82 -11.42
N ARG A 73 11.68 -10.96 -12.00
CA ARG A 73 10.95 -12.06 -11.32
C ARG A 73 11.71 -12.58 -10.10
N GLU A 74 13.04 -12.54 -10.10
CA GLU A 74 13.86 -13.06 -8.97
C GLU A 74 13.83 -12.15 -7.73
N HIS A 75 13.26 -10.95 -7.81
CA HIS A 75 13.18 -10.06 -6.63
C HIS A 75 11.87 -10.29 -5.88
N PHE A 76 11.06 -11.28 -6.27
CA PHE A 76 9.76 -11.48 -5.62
C PHE A 76 9.69 -12.76 -4.79
N SER A 77 9.14 -12.64 -3.60
CA SER A 77 8.82 -13.79 -2.71
C SER A 77 7.45 -13.61 -2.15
N PHE A 78 6.63 -14.64 -2.21
CA PHE A 78 5.31 -14.63 -1.54
C PHE A 78 5.40 -15.24 -0.14
N SER A 79 6.61 -15.41 0.41
CA SER A 79 6.78 -15.98 1.76
C SER A 79 6.33 -14.96 2.83
N PRO A 80 5.30 -15.29 3.65
CA PRO A 80 4.96 -14.45 4.81
C PRO A 80 6.01 -14.52 5.94
N ARG A 81 7.04 -15.36 5.81
CA ARG A 81 8.13 -15.50 6.80
C ARG A 81 9.36 -14.67 6.38
N MET A 82 9.25 -13.92 5.27
CA MET A 82 10.31 -12.97 4.83
C MET A 82 9.96 -11.57 5.38
N PRO A 83 10.78 -11.00 6.31
CA PRO A 83 10.44 -9.73 6.96
C PRO A 83 10.75 -8.52 6.09
N VAL A 84 10.00 -8.37 5.01
CA VAL A 84 10.07 -7.24 4.07
C VAL A 84 8.66 -6.71 3.85
N GLY A 85 8.47 -5.43 4.08
CA GLY A 85 7.16 -4.77 3.88
C GLY A 85 6.38 -4.65 5.17
N ASP A 86 5.12 -4.29 5.06
CA ASP A 86 4.24 -4.00 6.22
C ASP A 86 3.52 -5.26 6.62
N PHE A 87 3.39 -5.52 7.93
CA PHE A 87 2.77 -6.72 8.50
C PHE A 87 1.49 -6.31 9.22
N PHE A 88 0.43 -7.07 9.02
CA PHE A 88 -0.90 -6.85 9.62
C PHE A 88 -1.42 -8.16 10.18
N GLU A 89 -2.21 -8.11 11.28
CA GLU A 89 -2.84 -9.34 11.82
C GLU A 89 -4.28 -9.05 12.31
N GLU A 90 -5.12 -10.05 12.05
CA GLU A 90 -6.57 -10.02 12.29
C GLU A 90 -6.79 -10.53 13.67
N ARG A 91 -7.12 -9.61 14.61
CA ARG A 91 -7.34 -9.89 16.07
C ARG A 91 -8.84 -9.84 16.39
N ASP A 92 -9.37 -10.95 16.89
CA ASP A 92 -10.78 -11.08 17.30
C ASP A 92 -10.92 -10.66 18.78
N THR A 93 -11.92 -9.85 19.07
CA THR A 93 -12.25 -9.36 20.43
C THR A 93 -13.76 -9.38 20.57
N PRO A 94 -14.32 -9.49 21.79
CA PRO A 94 -15.74 -9.31 22.00
C PRO A 94 -16.37 -8.17 21.14
N GLU A 95 -15.64 -7.06 21.00
CA GLU A 95 -16.11 -5.89 20.20
C GLU A 95 -16.18 -6.24 18.71
N GLY A 96 -15.38 -7.19 18.24
CA GLY A 96 -15.45 -7.70 16.85
C GLY A 96 -14.07 -7.90 16.24
N LEU A 97 -14.00 -8.37 14.97
CA LEU A 97 -12.72 -8.59 14.24
C LEU A 97 -12.10 -7.23 13.90
N GLN A 98 -10.80 -7.11 14.12
CA GLN A 98 -10.06 -5.85 13.95
C GLN A 98 -8.71 -6.19 13.32
N TRP A 99 -8.39 -5.57 12.19
CA TRP A 99 -7.05 -5.67 11.59
C TRP A 99 -6.19 -4.62 12.26
N VAL A 100 -4.97 -5.00 12.63
CA VAL A 100 -3.98 -4.11 13.26
C VAL A 100 -2.65 -4.26 12.55
N GLN A 101 -1.97 -3.15 12.28
CA GLN A 101 -0.62 -3.18 11.72
C GLN A 101 0.35 -3.54 12.85
N LEU A 102 1.29 -4.43 12.57
CA LEU A 102 2.34 -4.84 13.53
C LEU A 102 3.46 -3.79 13.53
N SER A 103 4.06 -3.58 14.69
CA SER A 103 5.30 -2.78 14.86
C SER A 103 6.49 -3.63 14.41
N ALA A 104 7.60 -2.97 14.05
CA ALA A 104 8.88 -3.63 13.67
C ALA A 104 9.29 -4.63 14.76
N GLU A 105 9.05 -4.29 16.05
CA GLU A 105 9.41 -5.12 17.22
C GLU A 105 8.53 -6.39 17.27
N GLU A 106 7.28 -6.31 16.82
CA GLU A 106 6.28 -7.42 16.92
C GLU A 106 6.50 -8.46 15.81
N ILE A 107 7.04 -8.04 14.66
CA ILE A 107 7.07 -8.88 13.42
C ILE A 107 7.80 -10.20 13.67
N PRO A 108 9.00 -10.21 14.30
CA PRO A 108 9.75 -11.47 14.49
C PRO A 108 8.96 -12.59 15.20
N SER A 109 8.21 -12.26 16.26
CA SER A 109 7.41 -13.25 17.03
C SER A 109 6.28 -13.83 16.16
N ARG A 110 5.71 -13.04 15.26
CA ARG A 110 4.61 -13.50 14.36
C ARG A 110 5.20 -14.45 13.31
N ILE A 111 6.34 -14.08 12.74
CA ILE A 111 7.04 -14.92 11.73
C ILE A 111 7.38 -16.28 12.38
N GLN A 112 7.87 -16.28 13.61
CA GLN A 112 8.20 -17.53 14.35
C GLN A 112 6.91 -18.34 14.53
N ALA A 113 5.80 -17.65 14.92
CA ALA A 113 4.50 -18.28 15.20
C ALA A 113 3.98 -19.05 13.98
N ILE A 114 4.28 -18.62 12.74
CA ILE A 114 3.77 -19.28 11.50
C ILE A 114 4.90 -20.06 10.79
N THR A 115 6.01 -20.33 11.50
CA THR A 115 7.13 -21.22 11.05
C THR A 115 6.93 -22.59 11.72
N GLY A 116 6.77 -23.66 10.95
CA GLY A 116 6.56 -25.03 11.48
C GLY A 116 7.87 -25.77 11.61
N ILE B 12 -11.55 22.59 6.64
CA ILE B 12 -10.42 21.82 6.06
C ILE B 12 -9.70 21.03 7.19
N ALA B 13 -9.03 19.93 6.84
CA ALA B 13 -8.27 19.08 7.77
C ALA B 13 -6.83 19.56 7.80
N THR B 14 -6.16 19.44 8.93
CA THR B 14 -4.72 19.74 9.09
C THR B 14 -3.92 18.49 8.74
N PRO B 15 -2.64 18.63 8.32
CA PRO B 15 -1.80 17.46 8.12
C PRO B 15 -1.78 16.52 9.35
N GLU B 16 -1.75 17.06 10.57
CA GLU B 16 -1.72 16.22 11.80
C GLU B 16 -2.99 15.33 11.83
N GLU B 17 -4.16 15.91 11.53
CA GLU B 17 -5.45 15.16 11.49
C GLU B 17 -5.37 14.07 10.42
N VAL B 18 -4.85 14.39 9.24
CA VAL B 18 -4.83 13.44 8.11
C VAL B 18 -3.81 12.32 8.39
N ARG B 19 -2.79 12.59 9.24
CA ARG B 19 -1.80 11.55 9.62
C ARG B 19 -2.41 10.56 10.64
N LEU B 20 -3.48 10.92 11.36
CA LEU B 20 -3.94 10.09 12.50
C LEU B 20 -4.31 8.65 12.03
N PRO B 21 -5.15 8.43 10.97
CA PRO B 21 -5.46 7.06 10.53
C PRO B 21 -4.23 6.23 10.16
N LEU B 22 -3.17 6.89 9.66
CA LEU B 22 -1.93 6.22 9.25
C LEU B 22 -1.20 5.64 10.49
N GLN B 23 -1.56 6.04 11.72
CA GLN B 23 -1.00 5.43 12.96
C GLN B 23 -1.86 4.21 13.38
N HIS B 24 -2.96 3.92 12.66
CA HIS B 24 -3.94 2.86 13.00
C HIS B 24 -4.18 1.95 11.78
N GLY B 25 -3.16 1.76 10.95
CA GLY B 25 -3.13 0.73 9.92
C GLY B 25 -3.68 1.18 8.57
N TRP B 26 -4.15 2.42 8.45
CA TRP B 26 -4.62 2.97 7.17
C TRP B 26 -3.40 3.38 6.34
N ARG B 27 -3.55 3.42 5.03
CA ARG B 27 -2.54 3.99 4.11
C ARG B 27 -3.21 5.04 3.22
N ARG B 28 -2.49 6.10 2.89
CA ARG B 28 -2.99 7.16 2.00
C ARG B 28 -2.02 7.30 0.83
N GLU B 29 -2.54 7.45 -0.36
CA GLU B 29 -1.72 7.65 -1.59
C GLU B 29 -2.33 8.74 -2.42
N VAL B 30 -1.51 9.48 -3.14
CA VAL B 30 -1.98 10.48 -4.12
C VAL B 30 -1.37 10.12 -5.46
N ARG B 31 -2.19 10.06 -6.50
CA ARG B 31 -1.83 9.57 -7.85
C ARG B 31 -2.16 10.67 -8.81
N ILE B 32 -1.16 11.06 -9.58
CA ILE B 32 -1.21 12.24 -10.48
C ILE B 32 -1.07 11.73 -11.91
N LYS B 33 -1.96 12.15 -12.80
CA LYS B 33 -1.98 11.68 -14.21
C LYS B 33 -2.55 12.80 -15.08
N LYS B 34 -2.27 12.73 -16.39
CA LYS B 34 -2.79 13.70 -17.37
C LYS B 34 -4.23 13.33 -17.68
N GLY B 35 -5.13 14.30 -17.45
CA GLY B 35 -6.55 14.22 -17.85
C GLY B 35 -6.71 14.77 -19.23
N SER B 36 -7.96 14.86 -19.70
CA SER B 36 -8.31 15.32 -21.06
C SER B 36 -7.65 16.68 -21.35
N HIS B 37 -7.57 17.56 -20.35
CA HIS B 37 -7.16 18.98 -20.51
C HIS B 37 -5.90 19.29 -19.70
N ARG B 38 -5.78 18.73 -18.47
CA ARG B 38 -4.76 19.16 -17.49
C ARG B 38 -4.30 17.98 -16.63
N TRP B 39 -3.21 18.16 -15.91
CA TRP B 39 -2.74 17.21 -14.87
C TRP B 39 -3.66 17.33 -13.67
N GLN B 40 -4.03 16.21 -13.09
CA GLN B 40 -4.96 16.16 -11.93
C GLN B 40 -4.51 15.07 -10.98
N GLY B 41 -4.89 15.19 -9.72
CA GLY B 41 -4.57 14.22 -8.67
C GLY B 41 -5.84 13.59 -8.11
N GLU B 42 -5.72 12.35 -7.64
CA GLU B 42 -6.78 11.66 -6.88
C GLU B 42 -6.12 11.01 -5.68
N THR B 43 -6.87 10.89 -4.59
CA THR B 43 -6.40 10.30 -3.34
C THR B 43 -7.07 8.93 -3.18
N TRP B 44 -6.30 7.93 -2.80
CA TRP B 44 -6.79 6.61 -2.41
C TRP B 44 -6.47 6.38 -0.93
N TYR B 45 -7.35 5.71 -0.24
CA TYR B 45 -7.05 5.16 1.08
C TYR B 45 -7.10 3.64 1.00
N TYR B 46 -6.28 3.00 1.81
CA TYR B 46 -6.43 1.58 2.12
C TYR B 46 -6.77 1.46 3.58
N GLY B 47 -7.84 0.78 3.88
CA GLY B 47 -8.21 0.43 5.26
C GLY B 47 -7.23 -0.59 5.82
N PRO B 48 -7.25 -0.80 7.15
CA PRO B 48 -6.38 -1.76 7.77
C PRO B 48 -6.56 -3.18 7.26
N CYS B 49 -7.73 -3.52 6.74
CA CYS B 49 -8.05 -4.87 6.20
C CYS B 49 -7.54 -5.02 4.76
N GLY B 50 -7.07 -3.94 4.17
CA GLY B 50 -6.48 -3.91 2.78
C GLY B 50 -7.48 -3.43 1.72
N LYS B 51 -8.70 -3.08 2.12
CA LYS B 51 -9.76 -2.55 1.21
C LYS B 51 -9.33 -1.17 0.66
N ARG B 52 -9.33 -1.03 -0.66
CA ARG B 52 -9.05 0.25 -1.35
C ARG B 52 -10.33 1.09 -1.38
N MET B 53 -10.22 2.35 -1.02
CA MET B 53 -11.36 3.30 -0.99
C MET B 53 -10.95 4.59 -1.72
N LYS B 54 -11.70 4.94 -2.75
CA LYS B 54 -11.37 6.05 -3.66
C LYS B 54 -12.32 7.23 -3.44
N GLN B 55 -13.39 7.05 -2.69
CA GLN B 55 -14.39 8.10 -2.49
C GLN B 55 -14.66 8.22 -1.00
N PHE B 56 -14.85 9.46 -0.54
CA PHE B 56 -15.20 9.82 0.85
C PHE B 56 -16.43 9.04 1.34
N PRO B 57 -17.54 8.92 0.56
CA PRO B 57 -18.73 8.20 1.05
C PRO B 57 -18.45 6.71 1.35
N GLU B 58 -17.50 6.11 0.65
CA GLU B 58 -17.06 4.70 0.92
C GLU B 58 -16.34 4.62 2.29
N VAL B 59 -15.56 5.63 2.64
CA VAL B 59 -14.91 5.70 3.98
C VAL B 59 -16.00 5.84 5.05
N ILE B 60 -17.01 6.68 4.83
CA ILE B 60 -18.15 6.85 5.79
C ILE B 60 -18.78 5.48 6.02
N LYS B 61 -19.08 4.76 4.96
CA LYS B 61 -19.74 3.41 5.04
C LYS B 61 -18.81 2.47 5.84
N TYR B 62 -17.54 2.47 5.54
CA TYR B 62 -16.52 1.58 6.17
C TYR B 62 -16.47 1.85 7.67
N LEU B 63 -16.40 3.12 8.07
CA LEU B 63 -16.33 3.51 9.51
C LEU B 63 -17.60 3.04 10.24
N SER B 64 -18.77 3.11 9.60
CA SER B 64 -20.07 2.75 10.20
C SER B 64 -20.15 1.22 10.45
N ARG B 65 -19.39 0.44 9.68
CA ARG B 65 -19.40 -1.05 9.67
C ARG B 65 -18.32 -1.60 10.62
N ASN B 66 -17.57 -0.74 11.30
CA ASN B 66 -16.39 -1.15 12.11
C ASN B 66 -16.42 -0.51 13.51
N VAL B 67 -15.65 -1.07 14.43
CA VAL B 67 -15.45 -0.56 15.83
C VAL B 67 -15.16 0.95 15.74
N VAL B 68 -15.85 1.79 16.52
CA VAL B 68 -15.54 3.26 16.60
C VAL B 68 -14.52 3.47 17.71
N HIS B 69 -13.28 3.84 17.34
CA HIS B 69 -12.20 4.21 18.29
C HIS B 69 -11.75 5.64 17.99
N SER B 70 -10.49 5.85 17.61
CA SER B 70 -9.89 7.20 17.48
C SER B 70 -10.19 7.78 16.08
N VAL B 71 -10.42 6.93 15.09
CA VAL B 71 -10.49 7.36 13.67
C VAL B 71 -11.94 7.78 13.35
N ARG B 72 -12.13 9.00 12.86
CA ARG B 72 -13.44 9.58 12.49
C ARG B 72 -13.37 10.15 11.09
N ARG B 73 -14.52 10.47 10.51
CA ARG B 73 -14.60 11.01 9.12
C ARG B 73 -13.75 12.28 9.01
N GLU B 74 -13.65 13.09 10.07
CA GLU B 74 -12.92 14.39 10.01
C GLU B 74 -11.40 14.16 9.81
N HIS B 75 -10.90 12.92 9.97
CA HIS B 75 -9.44 12.62 9.82
C HIS B 75 -9.08 12.31 8.38
N PHE B 76 -10.06 12.30 7.47
CA PHE B 76 -9.86 11.92 6.06
C PHE B 76 -9.87 13.16 5.17
N SER B 77 -8.96 13.18 4.22
CA SER B 77 -8.89 14.19 3.15
C SER B 77 -8.64 13.47 1.85
N PHE B 78 -9.48 13.72 0.86
CA PHE B 78 -9.27 13.21 -0.50
C PHE B 78 -8.61 14.27 -1.36
N SER B 79 -8.08 15.34 -0.75
CA SER B 79 -7.39 16.43 -1.49
C SER B 79 -6.01 15.95 -1.95
N PRO B 80 -5.72 15.94 -3.26
CA PRO B 80 -4.39 15.57 -3.72
C PRO B 80 -3.34 16.65 -3.44
N ARG B 81 -3.78 17.80 -2.94
CA ARG B 81 -2.91 18.94 -2.56
C ARG B 81 -2.47 18.81 -1.09
N MET B 82 -2.94 17.77 -0.37
CA MET B 82 -2.59 17.52 1.05
C MET B 82 -1.37 16.61 1.09
N PRO B 83 -0.18 17.11 1.54
CA PRO B 83 1.07 16.35 1.44
C PRO B 83 1.21 15.30 2.55
N VAL B 84 0.38 14.27 2.50
CA VAL B 84 0.39 13.15 3.47
C VAL B 84 0.29 11.85 2.68
N GLY B 85 1.22 10.94 2.92
CA GLY B 85 1.23 9.63 2.26
C GLY B 85 2.13 9.64 1.04
N ASP B 86 2.13 8.56 0.30
CA ASP B 86 3.03 8.38 -0.86
C ASP B 86 2.39 8.96 -2.10
N PHE B 87 3.20 9.54 -2.98
CA PHE B 87 2.76 10.21 -4.22
C PHE B 87 3.33 9.44 -5.41
N PHE B 88 2.49 9.23 -6.40
CA PHE B 88 2.83 8.54 -7.65
C PHE B 88 2.37 9.38 -8.83
N GLU B 89 3.07 9.23 -9.96
CA GLU B 89 2.79 9.99 -11.17
C GLU B 89 2.90 9.06 -12.39
N GLU B 90 1.91 9.15 -13.26
CA GLU B 90 1.81 8.39 -14.53
C GLU B 90 2.50 9.20 -15.60
N ARG B 91 3.58 8.68 -16.17
CA ARG B 91 4.34 9.33 -17.27
C ARG B 91 4.11 8.58 -18.58
N ASP B 92 3.85 9.31 -19.65
CA ASP B 92 3.68 8.73 -21.01
C ASP B 92 5.03 8.81 -21.74
N THR B 93 5.54 7.64 -22.15
CA THR B 93 6.81 7.48 -22.86
C THR B 93 6.55 6.60 -24.08
N PRO B 94 7.43 6.61 -25.10
CA PRO B 94 7.25 5.74 -26.25
C PRO B 94 6.98 4.25 -25.82
N GLU B 95 7.72 3.81 -24.74
CA GLU B 95 7.60 2.40 -24.24
C GLU B 95 6.24 2.17 -23.58
N GLY B 96 5.45 3.23 -23.32
CA GLY B 96 4.08 3.13 -22.77
C GLY B 96 3.89 3.98 -21.51
N LEU B 97 2.68 3.93 -20.93
CA LEU B 97 2.36 4.62 -19.66
C LEU B 97 3.10 3.90 -18.52
N GLN B 98 3.79 4.69 -17.68
CA GLN B 98 4.63 4.17 -16.57
C GLN B 98 4.32 4.97 -15.32
N TRP B 99 4.01 4.29 -14.25
CA TRP B 99 3.76 4.89 -12.94
C TRP B 99 5.09 4.95 -12.19
N VAL B 100 5.40 6.08 -11.59
CA VAL B 100 6.64 6.31 -10.82
C VAL B 100 6.25 6.86 -9.45
N GLN B 101 6.91 6.38 -8.39
CA GLN B 101 6.76 7.01 -7.05
C GLN B 101 7.61 8.29 -7.00
N LEU B 102 7.05 9.37 -6.51
CA LEU B 102 7.76 10.66 -6.36
C LEU B 102 8.56 10.64 -5.05
N SER B 103 9.72 11.30 -5.06
CA SER B 103 10.56 11.55 -3.87
C SER B 103 9.92 12.69 -3.07
N ALA B 104 10.28 12.80 -1.79
CA ALA B 104 9.88 13.93 -0.92
C ALA B 104 10.22 15.27 -1.63
N GLU B 105 11.40 15.33 -2.27
N GLU B 105 11.40 15.33 -2.28
CA GLU B 105 11.90 16.53 -3.02
CA GLU B 105 11.91 16.54 -3.01
C GLU B 105 10.92 16.91 -4.14
C GLU B 105 10.93 16.92 -4.15
N GLU B 106 10.36 15.93 -4.84
CA GLU B 106 9.54 16.16 -6.08
C GLU B 106 8.11 16.60 -5.75
N ILE B 107 7.60 16.21 -4.59
CA ILE B 107 6.16 16.32 -4.25
C ILE B 107 5.69 17.77 -4.24
N PRO B 108 6.39 18.73 -3.56
CA PRO B 108 5.92 20.12 -3.52
C PRO B 108 5.69 20.69 -4.92
N SER B 109 6.62 20.43 -5.86
CA SER B 109 6.53 20.92 -7.26
C SER B 109 5.28 20.32 -7.95
N ARG B 110 4.95 19.06 -7.67
CA ARG B 110 3.77 18.39 -8.29
C ARG B 110 2.46 18.94 -7.68
N ILE B 111 2.44 19.17 -6.38
CA ILE B 111 1.29 19.82 -5.70
C ILE B 111 1.08 21.21 -6.31
N GLN B 112 2.14 21.99 -6.49
CA GLN B 112 2.08 23.33 -7.14
C GLN B 112 1.48 23.17 -8.55
N ALA B 113 1.89 22.12 -9.29
CA ALA B 113 1.51 21.90 -10.70
C ALA B 113 0.01 21.57 -10.81
N ILE B 114 -0.61 21.03 -9.75
CA ILE B 114 -2.08 20.72 -9.74
C ILE B 114 -2.84 21.73 -8.87
N THR B 115 -2.25 22.87 -8.51
CA THR B 115 -2.92 23.99 -7.80
C THR B 115 -3.14 25.14 -8.77
N GLY B 116 -4.40 25.52 -9.03
CA GLY B 116 -4.78 26.69 -9.86
#